data_8W5Q
#
_entry.id   8W5Q
#
_cell.length_a   1.00
_cell.length_b   1.00
_cell.length_c   1.00
_cell.angle_alpha   90.00
_cell.angle_beta   90.00
_cell.angle_gamma   90.00
#
_symmetry.space_group_name_H-M   'P 1'
#
loop_
_entity.id
_entity.type
_entity.pdbx_description
1 polymer 'Light chain of Ab45'
2 polymer 'Heavy chain of Ab45'
3 polymer 'Minor capsid protein A1'
#
loop_
_entity_poly.entity_id
_entity_poly.type
_entity_poly.pdbx_seq_one_letter_code
_entity_poly.pdbx_strand_id
1 'polypeptide(L)'
;VHSDIQMTQSPASLSASVGETVTITCRASENIYNYLAWYQRKQGKSPQLLVFNAKTLADGVPSRFSGSGSGTQYSLKIIS
LQPEDFGTYYCQHFWRTPWTFGGGTKLEIK
;
L
2 'polypeptide(L)'
;VHSEVQLVESGGGLVKPGGSLKLSCAASGFTFSDYGMYWVRQAPEKGLEWVAYIGSGSGVIYYADTVKGRFTISRDNGKN
TLFLQMTSLRSEDTAIYYCARKRGYEYDGQYFFEYWGQGTTLTVSS
;
H
3 'polypeptide(L)'
;MAKLETVTLGNIGKDGKQTLVLNPRGVNPTNGVASLSQAGAVPALEKRVTVSVSQPSRNRKNYKVQVKIQNPTACTANGS
CDPSVTRQAYADVTFSFTQYSTDEERAFVRTELAALLASPLLIDAIDQLNPAY
;
C,c
#
# COMPACT_ATOMS: atom_id res chain seq x y z
N MET A 7 -11.25 -1.23 -14.33
CA MET A 7 -12.11 -0.55 -15.30
C MET A 7 -13.58 -0.70 -14.92
N THR A 8 -14.06 0.20 -14.08
CA THR A 8 -15.45 0.19 -13.62
C THR A 8 -16.11 1.53 -13.92
N GLN A 9 -17.36 1.67 -13.48
CA GLN A 9 -18.12 2.89 -13.63
C GLN A 9 -18.72 3.29 -12.29
N SER A 10 -19.06 4.57 -12.16
CA SER A 10 -19.65 5.06 -10.92
C SER A 10 -20.57 6.25 -11.19
N PRO A 11 -21.84 6.01 -11.52
CA PRO A 11 -22.78 7.12 -11.72
C PRO A 11 -23.35 7.61 -10.40
N ALA A 12 -23.60 8.92 -10.33
CA ALA A 12 -24.22 9.53 -9.16
C ALA A 12 -25.71 9.78 -9.38
N SER A 13 -26.05 10.58 -10.39
CA SER A 13 -27.44 10.84 -10.81
C SER A 13 -28.27 11.43 -9.66
N LEU A 14 -27.87 12.63 -9.25
CA LEU A 14 -28.63 13.42 -8.29
C LEU A 14 -28.94 14.79 -8.88
N SER A 15 -29.65 15.61 -8.10
CA SER A 15 -30.07 16.93 -8.53
C SER A 15 -29.72 17.99 -7.49
N ALA A 16 -30.24 19.21 -7.66
CA ALA A 16 -29.93 20.33 -6.80
C ALA A 16 -31.14 20.71 -5.95
N SER A 17 -30.92 21.66 -5.04
CA SER A 17 -31.97 22.14 -4.15
C SER A 17 -31.63 23.57 -3.76
N VAL A 18 -32.63 24.26 -3.19
CA VAL A 18 -32.51 25.66 -2.82
C VAL A 18 -32.62 25.88 -1.31
N GLY A 19 -33.57 25.20 -0.65
CA GLY A 19 -33.71 25.33 0.79
C GLY A 19 -32.72 24.46 1.54
N GLU A 20 -32.39 24.90 2.77
CA GLU A 20 -31.42 24.19 3.61
C GLU A 20 -32.01 23.96 5.00
N THR A 21 -32.84 22.93 5.13
CA THR A 21 -33.19 22.36 6.43
C THR A 21 -32.80 20.89 6.51
N VAL A 22 -33.27 20.08 5.57
CA VAL A 22 -32.83 18.70 5.38
C VAL A 22 -33.17 18.32 3.95
N THR A 23 -32.23 17.69 3.24
CA THR A 23 -32.36 17.51 1.81
C THR A 23 -31.87 16.12 1.42
N ILE A 24 -31.69 15.93 0.11
CA ILE A 24 -31.49 14.59 -0.46
C ILE A 24 -30.05 14.13 -0.26
N THR A 25 -29.88 12.82 -0.20
CA THR A 25 -28.58 12.17 -0.13
C THR A 25 -28.16 11.65 -1.50
N CYS A 26 -26.88 11.35 -1.64
CA CYS A 26 -26.30 10.92 -2.91
C CYS A 26 -26.29 9.39 -2.99
N ARG A 27 -25.84 8.88 -4.14
CA ARG A 27 -25.82 7.45 -4.39
C ARG A 27 -24.65 7.11 -5.31
N ALA A 28 -24.43 5.81 -5.50
CA ALA A 28 -23.44 5.26 -6.42
C ALA A 28 -23.71 3.77 -6.53
N SER A 29 -23.21 3.16 -7.61
CA SER A 29 -23.48 1.75 -7.86
C SER A 29 -22.34 1.13 -8.68
N GLU A 30 -21.77 0.06 -8.16
CA GLU A 30 -20.77 -0.75 -8.85
C GLU A 30 -20.59 -2.03 -8.03
N ASN A 31 -19.58 -2.83 -8.37
CA ASN A 31 -19.33 -4.07 -7.64
C ASN A 31 -18.98 -3.77 -6.18
N ILE A 32 -19.13 -4.80 -5.34
CA ILE A 32 -19.13 -4.67 -3.90
C ILE A 32 -17.75 -4.30 -3.35
N TYR A 33 -17.72 -3.99 -2.04
CA TYR A 33 -16.56 -3.66 -1.20
C TYR A 33 -16.39 -2.15 -1.13
N ASN A 34 -16.23 -1.62 0.09
CA ASN A 34 -16.32 -0.19 0.35
C ASN A 34 -14.94 0.41 0.53
N TYR A 35 -14.39 0.86 -0.59
CA TYR A 35 -13.14 1.64 -0.61
C TYR A 35 -13.42 2.88 -1.46
N LEU A 36 -13.95 3.92 -0.82
CA LEU A 36 -14.39 5.12 -1.54
C LEU A 36 -14.18 6.34 -0.68
N ALA A 37 -14.64 7.49 -1.18
CA ALA A 37 -14.63 8.74 -0.45
C ALA A 37 -15.61 9.69 -1.11
N TRP A 38 -15.79 10.84 -0.48
CA TRP A 38 -16.61 11.92 -1.02
C TRP A 38 -15.79 13.20 -0.99
N TYR A 39 -16.12 14.12 -1.89
CA TYR A 39 -15.16 15.19 -2.18
C TYR A 39 -15.94 16.46 -2.52
N GLN A 40 -16.09 17.34 -1.53
CA GLN A 40 -16.80 18.60 -1.72
C GLN A 40 -15.94 19.55 -2.54
N ARG A 41 -16.25 19.66 -3.83
CA ARG A 41 -15.49 20.49 -4.76
C ARG A 41 -16.13 21.87 -4.87
N LYS A 42 -15.38 22.90 -4.50
CA LYS A 42 -15.77 24.28 -4.77
C LYS A 42 -15.06 24.74 -6.03
N GLN A 43 -15.80 25.36 -6.94
CA GLN A 43 -15.23 25.71 -8.24
C GLN A 43 -14.10 26.71 -8.11
N GLY A 44 -14.25 27.71 -7.23
CA GLY A 44 -13.20 28.69 -7.05
C GLY A 44 -11.94 28.11 -6.43
N LYS A 45 -12.09 27.29 -5.40
CA LYS A 45 -10.96 26.73 -4.67
C LYS A 45 -10.66 25.32 -5.18
N SER A 46 -9.80 24.61 -4.45
CA SER A 46 -9.50 23.21 -4.71
C SER A 46 -10.46 22.32 -3.93
N PRO A 47 -10.68 21.08 -4.38
CA PRO A 47 -11.55 20.17 -3.64
C PRO A 47 -10.94 19.73 -2.31
N GLN A 48 -11.72 19.02 -1.50
CA GLN A 48 -11.24 18.60 -0.19
C GLN A 48 -12.02 17.37 0.26
N LEU A 49 -11.41 16.61 1.17
CA LEU A 49 -11.97 15.36 1.65
C LEU A 49 -13.22 15.61 2.50
N LEU A 50 -14.14 14.64 2.47
CA LEU A 50 -15.29 14.65 3.36
C LEU A 50 -15.35 13.45 4.28
N VAL A 51 -15.31 12.23 3.74
CA VAL A 51 -15.50 11.02 4.52
C VAL A 51 -14.44 9.99 4.11
N PHE A 52 -13.91 9.29 5.10
CA PHE A 52 -12.92 8.24 4.88
C PHE A 52 -13.54 6.88 5.19
N ASN A 53 -13.22 5.88 4.38
CA ASN A 53 -13.67 4.51 4.58
C ASN A 53 -15.19 4.45 4.73
N ALA A 54 -15.87 4.96 3.70
CA ALA A 54 -17.32 4.90 3.58
C ALA A 54 -18.06 5.73 4.63
N LYS A 55 -17.91 5.37 5.92
CA LYS A 55 -18.76 5.94 6.96
C LYS A 55 -17.95 6.49 8.13
N THR A 56 -16.74 6.99 7.89
CA THR A 56 -15.94 7.61 8.94
C THR A 56 -15.46 8.98 8.45
N LEU A 57 -15.94 10.04 9.07
CA LEU A 57 -15.55 11.39 8.69
C LEU A 57 -14.25 11.77 9.39
N ALA A 58 -13.46 12.60 8.71
CA ALA A 58 -12.13 12.99 9.17
C ALA A 58 -12.18 14.33 9.89
N ASP A 59 -11.01 14.84 10.28
CA ASP A 59 -10.92 16.07 11.05
C ASP A 59 -11.20 17.29 10.17
N GLY A 60 -11.51 18.40 10.83
CA GLY A 60 -11.81 19.64 10.14
C GLY A 60 -13.07 19.60 9.31
N VAL A 61 -14.07 18.86 9.77
CA VAL A 61 -15.34 18.72 9.05
C VAL A 61 -16.48 18.91 10.05
N PRO A 62 -17.54 19.64 9.70
CA PRO A 62 -18.71 19.69 10.58
C PRO A 62 -19.27 18.30 10.81
N SER A 63 -19.72 18.06 12.05
CA SER A 63 -20.01 16.68 12.48
C SER A 63 -21.17 16.08 11.71
N ARG A 64 -22.23 16.85 11.46
CA ARG A 64 -23.47 16.27 10.96
C ARG A 64 -23.47 16.23 9.42
N PHE A 65 -22.51 15.47 8.90
CA PHE A 65 -22.50 15.00 7.51
C PHE A 65 -22.48 13.47 7.58
N SER A 66 -23.67 12.87 7.67
CA SER A 66 -23.77 11.44 7.87
C SER A 66 -23.38 10.68 6.60
N GLY A 67 -22.88 9.47 6.80
CA GLY A 67 -22.52 8.61 5.70
C GLY A 67 -22.68 7.15 6.04
N SER A 68 -23.19 6.35 5.09
CA SER A 68 -23.37 4.92 5.31
C SER A 68 -23.51 4.23 3.97
N GLY A 69 -23.25 2.93 3.97
CA GLY A 69 -23.38 2.17 2.74
C GLY A 69 -22.73 0.82 2.88
N SER A 70 -22.81 0.06 1.79
CA SER A 70 -22.26 -1.28 1.71
C SER A 70 -21.85 -1.52 0.26
N GLY A 71 -21.69 -2.79 -0.11
CA GLY A 71 -21.44 -3.12 -1.50
C GLY A 71 -22.56 -2.67 -2.41
N THR A 72 -22.20 -1.98 -3.49
CA THR A 72 -23.09 -1.57 -4.57
C THR A 72 -24.04 -0.45 -4.13
N GLN A 73 -24.01 -0.09 -2.84
CA GLN A 73 -24.87 0.96 -2.32
C GLN A 73 -24.06 1.92 -1.47
N TYR A 74 -24.10 3.20 -1.82
CA TYR A 74 -23.39 4.25 -1.09
C TYR A 74 -24.35 5.40 -0.81
N SER A 75 -24.16 6.06 0.32
CA SER A 75 -25.05 7.14 0.73
C SER A 75 -24.32 8.10 1.65
N LEU A 76 -24.43 9.39 1.36
CA LEU A 76 -23.91 10.46 2.21
C LEU A 76 -25.09 11.34 2.60
N LYS A 77 -25.48 11.29 3.87
CA LYS A 77 -26.66 12.02 4.34
C LYS A 77 -26.22 13.33 4.96
N ILE A 78 -26.93 14.40 4.63
CA ILE A 78 -26.53 15.75 5.02
C ILE A 78 -27.57 16.40 5.94
N ILE A 79 -28.19 15.60 6.81
CA ILE A 79 -29.17 16.07 7.77
C ILE A 79 -28.59 17.23 8.58
N SER A 80 -29.46 18.08 9.12
CA SER A 80 -29.04 19.28 9.84
C SER A 80 -28.11 20.13 8.98
N LEU A 81 -28.51 20.35 7.74
CA LEU A 81 -27.68 21.05 6.78
C LEU A 81 -27.46 22.50 7.19
N GLN A 82 -26.25 23.00 6.94
CA GLN A 82 -25.83 24.38 7.14
C GLN A 82 -25.96 25.16 5.84
N PRO A 83 -26.20 26.46 5.90
CA PRO A 83 -26.42 27.26 4.69
C PRO A 83 -25.09 27.53 3.98
N GLU A 84 -25.22 28.13 2.79
CA GLU A 84 -24.12 28.57 1.93
C GLU A 84 -22.97 27.56 1.84
N ASP A 85 -23.31 26.27 1.78
CA ASP A 85 -22.32 25.22 1.65
C ASP A 85 -22.80 24.16 0.66
N PHE A 86 -23.32 24.60 -0.48
CA PHE A 86 -23.81 23.66 -1.48
C PHE A 86 -22.64 23.10 -2.30
N GLY A 87 -21.96 23.96 -3.05
CA GLY A 87 -20.82 23.52 -3.85
C GLY A 87 -21.21 22.43 -4.83
N THR A 88 -20.30 21.47 -5.02
CA THR A 88 -20.54 20.33 -5.88
C THR A 88 -19.69 19.17 -5.35
N TYR A 89 -20.26 17.96 -5.40
CA TYR A 89 -19.61 16.80 -4.81
C TYR A 89 -19.37 15.73 -5.88
N TYR A 90 -18.30 14.97 -5.69
CA TYR A 90 -17.94 13.84 -6.53
C TYR A 90 -17.65 12.63 -5.64
N CYS A 91 -17.26 11.52 -6.26
CA CYS A 91 -16.97 10.31 -5.53
C CYS A 91 -16.04 9.44 -6.36
N GLN A 92 -15.19 8.69 -5.68
CA GLN A 92 -14.23 7.80 -6.32
C GLN A 92 -14.30 6.42 -5.68
N HIS A 93 -13.59 5.48 -6.29
CA HIS A 93 -13.32 4.18 -5.69
C HIS A 93 -11.85 3.86 -5.89
N PHE A 94 -11.23 3.23 -4.88
CA PHE A 94 -9.86 2.75 -4.99
C PHE A 94 -9.85 1.26 -4.67
N TRP A 95 -10.15 0.45 -5.68
CA TRP A 95 -10.10 -1.00 -5.59
C TRP A 95 -9.20 -1.60 -6.65
N ARG A 96 -9.38 -1.22 -7.91
CA ARG A 96 -8.57 -1.65 -9.03
C ARG A 96 -7.52 -0.58 -9.35
N THR A 97 -6.83 -0.74 -10.48
CA THR A 97 -5.87 0.27 -10.94
C THR A 97 -6.55 1.47 -11.59
N PRO A 98 -7.34 1.30 -12.66
CA PRO A 98 -7.73 2.47 -13.46
C PRO A 98 -8.51 3.53 -12.69
N TRP A 99 -9.39 3.12 -11.77
CA TRP A 99 -10.17 4.02 -10.94
C TRP A 99 -11.14 4.85 -11.77
N THR A 100 -12.16 5.41 -11.14
CA THR A 100 -13.13 6.23 -11.86
C THR A 100 -13.06 7.70 -11.43
N PHE A 101 -13.25 7.98 -10.14
CA PHE A 101 -13.24 9.35 -9.60
C PHE A 101 -14.05 10.28 -10.50
N GLY A 102 -15.36 10.00 -10.57
CA GLY A 102 -16.25 10.75 -11.43
C GLY A 102 -17.68 10.70 -10.92
N GLY A 103 -18.52 11.50 -11.56
CA GLY A 103 -19.92 11.58 -11.18
C GLY A 103 -20.45 13.01 -11.18
N GLY A 104 -21.20 13.37 -10.14
CA GLY A 104 -21.74 14.71 -10.03
C GLY A 104 -22.53 14.94 -8.76
N VAL B 5 0.79 26.34 6.23
CA VAL B 5 1.35 25.00 6.32
C VAL B 5 0.75 24.14 5.19
N GLN B 6 1.53 23.16 4.72
CA GLN B 6 1.29 22.49 3.44
C GLN B 6 0.99 23.49 2.33
N LEU B 7 1.80 24.54 2.24
CA LEU B 7 1.74 25.44 1.09
C LEU B 7 2.28 24.73 -0.14
N VAL B 8 1.49 24.71 -1.21
CA VAL B 8 1.81 23.98 -2.42
C VAL B 8 1.83 24.96 -3.60
N GLU B 9 2.91 24.94 -4.36
CA GLU B 9 3.04 25.75 -5.56
C GLU B 9 2.77 24.91 -6.80
N SER B 10 2.83 25.55 -7.96
CA SER B 10 2.60 24.85 -9.21
C SER B 10 3.49 25.44 -10.29
N GLY B 11 3.81 24.61 -11.29
CA GLY B 11 4.62 25.03 -12.41
C GLY B 11 3.80 25.75 -13.47
N GLY B 12 4.49 26.17 -14.52
CA GLY B 12 3.85 26.91 -15.60
C GLY B 12 3.75 26.14 -16.90
N GLY B 13 2.52 25.90 -17.35
CA GLY B 13 2.30 25.27 -18.64
C GLY B 13 1.46 26.14 -19.55
N LEU B 14 2.05 26.65 -20.64
CA LEU B 14 1.38 27.59 -21.52
C LEU B 14 1.59 27.21 -22.98
N VAL B 15 1.60 25.91 -23.28
CA VAL B 15 1.81 25.44 -24.65
C VAL B 15 0.81 24.31 -24.93
N LYS B 16 0.17 24.39 -26.09
CA LYS B 16 -0.91 23.48 -26.50
C LYS B 16 -0.66 22.99 -27.93
N PRO B 17 -1.31 21.87 -28.38
CA PRO B 17 -0.68 20.96 -29.35
C PRO B 17 0.74 21.26 -29.81
N GLY B 18 1.69 21.23 -28.88
CA GLY B 18 3.08 21.38 -29.25
C GLY B 18 3.97 21.28 -28.03
N GLY B 19 5.27 21.22 -28.29
CA GLY B 19 6.27 21.25 -27.24
C GLY B 19 6.28 20.06 -26.31
N SER B 20 7.36 19.93 -25.53
CA SER B 20 7.41 18.89 -24.50
C SER B 20 6.75 19.38 -23.21
N LEU B 21 7.28 20.47 -22.63
CA LEU B 21 6.74 21.13 -21.45
C LEU B 21 6.85 20.27 -20.20
N LYS B 22 6.91 20.91 -19.03
CA LYS B 22 7.02 20.22 -17.75
C LYS B 22 6.20 20.97 -16.71
N LEU B 23 5.89 20.26 -15.63
CA LEU B 23 5.14 20.83 -14.51
C LEU B 23 5.84 20.49 -13.21
N SER B 24 5.76 21.40 -12.24
CA SER B 24 6.45 21.24 -10.96
C SER B 24 5.47 21.43 -9.82
N CYS B 25 5.39 20.44 -8.94
CA CYS B 25 4.69 20.54 -7.67
C CYS B 25 5.73 20.51 -6.55
N ALA B 26 5.77 21.58 -5.75
CA ALA B 26 6.76 21.72 -4.69
C ALA B 26 6.05 21.82 -3.35
N ALA B 27 6.50 21.03 -2.38
CA ALA B 27 5.95 21.05 -1.03
C ALA B 27 6.72 22.04 -0.17
N SER B 28 6.01 22.62 0.81
CA SER B 28 6.62 23.57 1.73
C SER B 28 5.88 23.49 3.07
N GLY B 29 6.62 23.75 4.14
CA GLY B 29 6.05 23.57 5.48
C GLY B 29 5.66 22.13 5.74
N PHE B 30 6.38 21.18 5.15
CA PHE B 30 6.03 19.77 5.21
C PHE B 30 7.18 18.95 4.67
N THR B 31 7.56 17.88 5.38
CA THR B 31 8.68 17.05 4.94
C THR B 31 8.26 16.22 3.73
N PHE B 32 8.98 16.38 2.62
CA PHE B 32 8.70 15.61 1.42
C PHE B 32 8.98 14.14 1.70
N SER B 33 10.26 13.80 1.89
CA SER B 33 10.69 12.53 2.46
C SER B 33 10.02 11.31 1.83
N ASP B 34 9.00 10.78 2.52
CA ASP B 34 8.42 9.48 2.21
C ASP B 34 6.97 9.53 1.73
N TYR B 35 6.25 10.63 1.93
CA TYR B 35 4.85 10.67 1.56
C TYR B 35 4.66 10.47 0.06
N GLY B 36 3.63 9.73 -0.31
CA GLY B 36 3.35 9.46 -1.70
C GLY B 36 2.55 10.58 -2.34
N MET B 37 3.16 11.32 -3.25
CA MET B 37 2.52 12.48 -3.85
C MET B 37 1.79 12.07 -5.13
N TYR B 38 0.55 12.52 -5.27
CA TYR B 38 -0.34 12.08 -6.33
C TYR B 38 -0.36 13.10 -7.47
N TRP B 39 -1.28 12.90 -8.42
CA TRP B 39 -1.51 13.82 -9.53
C TRP B 39 -2.94 13.59 -10.01
N VAL B 40 -3.46 14.53 -10.78
CA VAL B 40 -4.82 14.43 -11.30
C VAL B 40 -4.99 15.40 -12.46
N ARG B 41 -5.97 15.13 -13.33
CA ARG B 41 -6.35 16.00 -14.42
C ARG B 41 -7.78 16.48 -14.21
N GLN B 42 -8.04 17.74 -14.55
CA GLN B 42 -9.38 18.31 -14.38
C GLN B 42 -10.22 18.25 -15.64
N ALA B 43 -9.75 18.88 -16.74
CA ALA B 43 -10.46 19.03 -18.00
C ALA B 43 -11.69 19.92 -17.81
N PRO B 44 -12.12 20.66 -18.85
CA PRO B 44 -13.13 21.70 -18.62
C PRO B 44 -14.52 21.17 -18.26
N GLU B 45 -15.06 20.22 -19.02
CA GLU B 45 -16.38 19.67 -18.70
C GLU B 45 -16.30 18.14 -18.62
N LYS B 46 -17.22 17.58 -17.84
CA LYS B 46 -17.43 16.14 -17.76
C LYS B 46 -16.17 15.40 -17.33
N GLY B 47 -15.41 14.89 -18.30
CA GLY B 47 -14.28 14.02 -18.04
C GLY B 47 -13.25 14.56 -17.08
N LEU B 48 -12.87 13.73 -16.11
CA LEU B 48 -11.81 14.06 -15.15
C LEU B 48 -11.38 12.77 -14.48
N GLU B 49 -10.09 12.46 -14.56
CA GLU B 49 -9.63 11.10 -14.27
C GLU B 49 -8.31 11.12 -13.50
N TRP B 50 -8.02 9.98 -12.88
CA TRP B 50 -6.80 9.78 -12.10
C TRP B 50 -5.59 9.59 -13.00
N VAL B 51 -4.42 9.94 -12.48
CA VAL B 51 -3.15 9.68 -13.17
C VAL B 51 -2.11 9.15 -12.20
N ALA B 52 -0.86 9.04 -12.66
CA ALA B 52 0.14 8.18 -12.07
C ALA B 52 0.41 8.50 -10.58
N TYR B 53 1.10 7.56 -9.93
CA TYR B 53 1.39 7.57 -8.51
C TYR B 53 2.88 7.46 -8.26
N ILE B 54 3.36 8.17 -7.25
CA ILE B 54 4.74 8.09 -6.78
C ILE B 54 4.73 8.06 -5.26
N GLY B 55 5.30 7.00 -4.69
CA GLY B 55 5.33 6.87 -3.25
C GLY B 55 6.73 6.79 -2.65
N SER B 56 7.67 6.25 -3.42
CA SER B 56 9.04 6.06 -2.95
C SER B 56 9.94 5.93 -4.17
N GLY B 57 11.15 5.42 -3.96
CA GLY B 57 12.05 5.19 -5.08
C GLY B 57 11.46 4.26 -6.13
N SER B 58 10.75 3.24 -5.69
CA SER B 58 10.11 2.29 -6.59
C SER B 58 8.59 2.37 -6.44
N GLY B 59 7.89 1.46 -7.11
CA GLY B 59 6.46 1.65 -7.29
C GLY B 59 6.11 2.71 -8.30
N VAL B 60 7.07 3.11 -9.13
CA VAL B 60 6.89 4.23 -10.05
C VAL B 60 5.83 3.94 -11.10
N ILE B 61 5.78 2.72 -11.62
CA ILE B 61 4.98 2.41 -12.81
C ILE B 61 3.58 2.02 -12.32
N TYR B 62 2.79 3.04 -12.01
CA TYR B 62 1.33 2.95 -11.85
C TYR B 62 0.75 4.00 -12.78
N TYR B 63 0.58 3.63 -14.05
CA TYR B 63 0.10 4.56 -15.07
C TYR B 63 -1.30 4.16 -15.53
N ALA B 64 -2.15 5.15 -15.70
CA ALA B 64 -3.44 4.92 -16.33
C ALA B 64 -3.28 4.73 -17.84
N ASP B 65 -4.37 4.38 -18.50
CA ASP B 65 -4.33 4.24 -19.94
C ASP B 65 -4.12 5.59 -20.61
N THR B 66 -3.62 5.55 -21.84
CA THR B 66 -3.20 6.72 -22.61
C THR B 66 -2.11 7.52 -21.90
N VAL B 67 -1.44 6.93 -20.92
CA VAL B 67 -0.43 7.60 -20.11
C VAL B 67 0.81 6.71 -20.07
N LYS B 68 0.65 5.46 -20.51
CA LYS B 68 1.72 4.46 -20.35
C LYS B 68 3.04 4.93 -20.95
N GLY B 69 3.00 5.52 -22.14
CA GLY B 69 4.21 6.02 -22.75
C GLY B 69 4.15 7.51 -23.00
N ARG B 70 2.95 8.09 -22.88
CA ARG B 70 2.77 9.51 -23.11
C ARG B 70 3.35 10.36 -21.98
N PHE B 71 3.47 9.81 -20.77
CA PHE B 71 3.92 10.56 -19.62
C PHE B 71 4.99 9.79 -18.88
N THR B 72 5.92 10.52 -18.27
CA THR B 72 6.95 9.95 -17.40
C THR B 72 7.03 10.78 -16.13
N ILE B 73 7.32 10.11 -15.01
CA ILE B 73 7.25 10.73 -13.69
C ILE B 73 8.55 10.48 -12.95
N SER B 74 8.99 11.46 -12.17
CA SER B 74 10.16 11.34 -11.31
C SER B 74 9.97 12.23 -10.10
N ARG B 75 10.75 11.96 -9.05
CA ARG B 75 10.66 12.70 -7.79
C ARG B 75 12.08 13.09 -7.36
N ASP B 76 12.31 14.40 -7.19
CA ASP B 76 13.53 14.86 -6.57
C ASP B 76 13.28 15.10 -5.09
N ASN B 77 14.09 14.46 -4.24
CA ASN B 77 13.91 14.55 -2.80
C ASN B 77 14.90 15.50 -2.13
N GLY B 78 15.96 15.93 -2.82
CA GLY B 78 16.88 16.89 -2.25
C GLY B 78 16.33 18.30 -2.21
N LYS B 79 15.29 18.59 -2.98
CA LYS B 79 14.69 19.92 -3.02
C LYS B 79 13.19 19.90 -2.72
N ASN B 80 12.61 18.73 -2.44
CA ASN B 80 11.18 18.59 -2.15
C ASN B 80 10.33 19.12 -3.30
N THR B 81 10.67 18.69 -4.52
CA THR B 81 9.98 19.12 -5.72
C THR B 81 9.60 17.93 -6.57
N LEU B 82 8.42 17.97 -7.16
CA LEU B 82 7.99 16.97 -8.12
C LEU B 82 8.40 17.37 -9.54
N PHE B 83 8.34 16.41 -10.44
CA PHE B 83 8.62 16.64 -11.84
C PHE B 83 7.72 15.75 -12.69
N LEU B 84 7.49 16.19 -13.93
CA LEU B 84 6.65 15.45 -14.85
C LEU B 84 7.05 15.83 -16.27
N GLN B 85 7.34 14.84 -17.10
CA GLN B 85 7.77 15.04 -18.47
C GLN B 85 6.67 14.60 -19.41
N MET B 86 6.35 15.44 -20.39
CA MET B 86 5.26 15.19 -21.34
C MET B 86 5.89 14.93 -22.70
N THR B 87 5.76 13.69 -23.19
CA THR B 87 6.34 13.34 -24.48
C THR B 87 5.43 13.79 -25.62
N SER B 88 4.21 13.28 -25.66
CA SER B 88 3.22 13.64 -26.67
C SER B 88 2.04 14.35 -26.01
N LEU B 89 1.31 15.10 -26.82
CA LEU B 89 0.12 15.80 -26.33
C LEU B 89 -0.88 15.92 -27.48
N ARG B 90 -2.16 15.76 -27.13
CA ARG B 90 -3.24 15.87 -28.11
C ARG B 90 -4.36 16.74 -27.55
N SER B 91 -5.52 16.74 -28.21
CA SER B 91 -6.67 17.48 -27.72
C SER B 91 -7.14 16.96 -26.36
N GLU B 92 -6.75 15.73 -25.99
CA GLU B 92 -7.15 15.19 -24.70
C GLU B 92 -6.60 16.02 -23.54
N ASP B 93 -5.36 16.46 -23.65
CA ASP B 93 -4.67 17.11 -22.54
C ASP B 93 -5.07 18.57 -22.43
N THR B 94 -5.59 18.95 -21.27
CA THR B 94 -5.91 20.33 -20.95
C THR B 94 -4.73 20.97 -20.22
N ALA B 95 -4.93 22.13 -19.61
CA ALA B 95 -3.87 22.85 -18.93
C ALA B 95 -4.29 23.25 -17.52
N ILE B 96 -4.86 22.30 -16.77
CA ILE B 96 -5.21 22.50 -15.37
C ILE B 96 -5.04 21.18 -14.63
N TYR B 97 -4.04 21.12 -13.75
CA TYR B 97 -3.68 19.90 -13.02
C TYR B 97 -3.52 20.23 -11.54
N TYR B 98 -3.63 19.18 -10.71
CA TYR B 98 -3.46 19.30 -9.27
C TYR B 98 -2.58 18.18 -8.75
N CYS B 99 -1.93 18.43 -7.62
CA CYS B 99 -1.05 17.45 -6.97
C CYS B 99 -1.44 17.29 -5.51
N ALA B 100 -1.46 16.05 -5.04
CA ALA B 100 -1.90 15.72 -3.68
C ALA B 100 -0.99 14.63 -3.12
N ARG B 101 -1.20 14.29 -1.85
CA ARG B 101 -0.31 13.35 -1.17
C ARG B 101 -1.13 12.21 -0.53
N LYS B 102 -0.44 11.38 0.26
CA LYS B 102 -1.00 10.18 0.87
C LYS B 102 -0.74 10.21 2.37
N ARG B 103 -1.58 9.48 3.12
CA ARG B 103 -1.40 9.34 4.57
C ARG B 103 -0.02 8.81 4.94
N GLY B 104 0.28 7.58 4.55
CA GLY B 104 1.52 6.96 4.95
C GLY B 104 2.14 6.09 3.89
N TYR B 105 2.65 4.93 4.30
CA TYR B 105 3.23 3.99 3.35
C TYR B 105 2.14 3.38 2.47
N GLU B 106 2.56 2.65 1.46
CA GLU B 106 1.64 2.16 0.44
C GLU B 106 1.17 0.74 0.73
N TYR B 107 0.15 0.32 -0.05
CA TYR B 107 -0.64 -0.88 0.22
C TYR B 107 -1.31 -0.83 1.59
N ASP B 108 -1.99 0.28 1.88
CA ASP B 108 -2.90 0.37 3.02
C ASP B 108 -4.32 0.73 2.64
N GLY B 109 -4.53 1.65 1.70
CA GLY B 109 -5.87 1.89 1.19
C GLY B 109 -6.52 3.20 1.57
N GLN B 110 -5.80 4.32 1.56
CA GLN B 110 -6.42 5.64 1.64
C GLN B 110 -5.71 6.57 0.67
N TYR B 111 -6.46 7.43 -0.01
CA TYR B 111 -5.94 8.13 -1.19
C TYR B 111 -6.57 9.51 -1.34
N PHE B 112 -5.91 10.35 -2.15
CA PHE B 112 -6.49 11.56 -2.76
C PHE B 112 -6.94 12.59 -1.70
N PHE B 113 -5.97 13.18 -1.00
CA PHE B 113 -6.37 14.25 -0.10
C PHE B 113 -5.46 15.46 -0.22
N GLU B 114 -6.05 16.63 0.04
CA GLU B 114 -5.43 17.95 0.25
C GLU B 114 -5.00 18.70 -1.00
N TYR B 115 -4.95 18.06 -2.17
CA TYR B 115 -4.77 18.71 -3.47
C TYR B 115 -4.07 20.08 -3.45
N TRP B 116 -4.76 21.10 -3.99
CA TRP B 116 -4.28 22.47 -4.15
C TRP B 116 -3.25 22.59 -5.26
N GLY B 117 -3.34 23.66 -6.02
CA GLY B 117 -2.51 23.87 -7.20
C GLY B 117 -3.33 24.28 -8.40
N GLN B 118 -2.61 24.65 -9.47
CA GLN B 118 -3.21 25.03 -10.74
C GLN B 118 -2.30 24.58 -11.87
N GLY B 119 -2.75 24.82 -13.09
CA GLY B 119 -2.01 24.43 -14.28
C GLY B 119 -1.82 25.56 -15.27
N ALA C 2 -10.25 -9.20 16.86
CA ALA C 2 -9.31 -10.30 17.05
C ALA C 2 -9.73 -11.54 16.28
N LYS C 3 -11.04 -11.75 16.19
CA LYS C 3 -11.57 -12.90 15.48
C LYS C 3 -11.35 -12.74 13.98
N LEU C 4 -11.33 -13.87 13.28
CA LEU C 4 -11.09 -13.89 11.85
C LEU C 4 -12.41 -13.79 11.08
N GLU C 5 -12.40 -12.97 10.04
CA GLU C 5 -13.57 -12.80 9.18
C GLU C 5 -13.08 -12.46 7.78
N THR C 6 -13.99 -11.99 6.92
CA THR C 6 -13.65 -11.69 5.54
C THR C 6 -12.85 -10.38 5.50
N VAL C 7 -11.56 -10.49 5.17
CA VAL C 7 -10.70 -9.32 4.99
C VAL C 7 -10.33 -9.23 3.52
N THR C 8 -10.46 -8.03 2.95
CA THR C 8 -10.28 -7.80 1.53
C THR C 8 -8.99 -7.03 1.30
N LEU C 9 -8.00 -7.70 0.70
CA LEU C 9 -6.78 -7.02 0.29
C LEU C 9 -7.08 -6.07 -0.86
N GLY C 10 -6.37 -4.93 -0.86
CA GLY C 10 -6.59 -3.92 -1.88
C GLY C 10 -6.01 -4.29 -3.23
N ASN C 11 -5.58 -3.29 -3.99
CA ASN C 11 -4.99 -3.56 -5.30
C ASN C 11 -3.67 -4.31 -5.16
N ILE C 12 -3.49 -5.32 -6.02
CA ILE C 12 -2.39 -6.26 -5.91
C ILE C 12 -1.84 -6.54 -7.29
N GLY C 13 -0.51 -6.60 -7.40
CA GLY C 13 0.11 -6.99 -8.66
C GLY C 13 1.30 -6.16 -9.07
N LYS C 14 1.86 -6.46 -10.24
CA LYS C 14 2.98 -5.68 -10.76
C LYS C 14 2.56 -4.24 -11.00
N ASP C 15 1.36 -4.03 -11.53
CA ASP C 15 0.77 -2.71 -11.65
C ASP C 15 -0.45 -2.54 -10.75
N GLY C 16 -0.64 -3.46 -9.80
CA GLY C 16 -1.76 -3.40 -8.88
C GLY C 16 -3.11 -3.48 -9.54
N LYS C 17 -3.28 -4.41 -10.47
CA LYS C 17 -4.52 -4.54 -11.24
C LYS C 17 -5.48 -5.55 -10.63
N GLN C 18 -5.04 -6.79 -10.47
CA GLN C 18 -5.91 -7.83 -9.95
C GLN C 18 -6.07 -7.69 -8.43
N THR C 19 -7.21 -8.15 -7.94
CA THR C 19 -7.51 -8.14 -6.51
C THR C 19 -8.04 -9.51 -6.10
N LEU C 20 -7.80 -9.86 -4.84
CA LEU C 20 -8.22 -11.14 -4.30
C LEU C 20 -8.98 -10.92 -3.00
N VAL C 21 -10.06 -11.68 -2.83
CA VAL C 21 -10.85 -11.67 -1.60
C VAL C 21 -10.78 -13.07 -0.99
N LEU C 22 -10.58 -13.12 0.32
CA LEU C 22 -10.38 -14.37 1.03
C LEU C 22 -11.29 -14.44 2.25
N ASN C 23 -11.83 -15.62 2.51
CA ASN C 23 -12.77 -15.90 3.56
C ASN C 23 -12.24 -17.00 4.48
N PRO C 24 -12.71 -17.05 5.72
CA PRO C 24 -12.20 -18.06 6.66
C PRO C 24 -12.53 -19.48 6.25
N ARG C 25 -11.65 -20.41 6.63
CA ARG C 25 -11.84 -21.83 6.41
C ARG C 25 -11.83 -22.58 7.74
N GLY C 26 -12.17 -21.89 8.82
CA GLY C 26 -12.17 -22.50 10.15
C GLY C 26 -10.78 -22.56 10.74
N VAL C 27 -10.71 -23.14 11.94
CA VAL C 27 -9.47 -23.29 12.68
C VAL C 27 -9.25 -24.78 12.92
N ASN C 28 -8.06 -25.26 12.58
CA ASN C 28 -7.75 -26.67 12.77
C ASN C 28 -7.49 -26.95 14.25
N PRO C 29 -8.28 -27.82 14.90
CA PRO C 29 -8.09 -28.04 16.33
C PRO C 29 -6.84 -28.84 16.68
N THR C 30 -6.25 -29.55 15.71
CA THR C 30 -5.07 -30.37 16.01
C THR C 30 -3.88 -29.50 16.41
N ASN C 31 -3.65 -28.39 15.71
CA ASN C 31 -2.50 -27.54 15.96
C ASN C 31 -2.83 -26.06 16.00
N GLY C 32 -4.10 -25.68 15.92
CA GLY C 32 -4.50 -24.30 16.08
C GLY C 32 -4.24 -23.41 14.88
N VAL C 33 -3.85 -23.97 13.74
CA VAL C 33 -3.60 -23.16 12.56
C VAL C 33 -4.93 -22.74 11.93
N ALA C 34 -5.04 -21.45 11.63
CA ALA C 34 -6.23 -20.90 10.99
C ALA C 34 -5.98 -20.74 9.49
N SER C 35 -6.98 -21.10 8.70
CA SER C 35 -6.86 -21.12 7.25
C SER C 35 -7.80 -20.10 6.61
N LEU C 36 -7.31 -19.43 5.58
CA LEU C 36 -8.06 -18.43 4.83
C LEU C 36 -7.92 -18.77 3.36
N SER C 37 -9.03 -18.79 2.64
CA SER C 37 -9.01 -19.28 1.26
C SER C 37 -9.84 -18.39 0.36
N GLN C 38 -9.52 -18.41 -0.93
CA GLN C 38 -10.22 -17.66 -1.94
C GLN C 38 -11.21 -18.56 -2.68
N ALA C 39 -12.31 -17.96 -3.15
CA ALA C 39 -13.35 -18.70 -3.86
C ALA C 39 -12.97 -18.77 -5.33
N GLY C 40 -12.27 -19.84 -5.70
CA GLY C 40 -11.85 -20.06 -7.07
C GLY C 40 -12.65 -21.09 -7.84
N ALA C 41 -13.80 -21.53 -7.33
CA ALA C 41 -14.71 -22.46 -7.99
C ALA C 41 -14.11 -23.86 -8.14
N VAL C 42 -12.85 -24.02 -7.75
CA VAL C 42 -12.19 -25.32 -7.74
C VAL C 42 -11.40 -25.45 -6.45
N PRO C 43 -11.73 -26.41 -5.58
CA PRO C 43 -10.97 -26.55 -4.32
C PRO C 43 -9.49 -26.83 -4.53
N ALA C 44 -9.12 -27.50 -5.62
CA ALA C 44 -7.72 -27.86 -5.83
C ALA C 44 -6.85 -26.62 -5.98
N LEU C 45 -7.29 -25.65 -6.77
CA LEU C 45 -6.54 -24.43 -7.01
C LEU C 45 -7.23 -23.27 -6.29
N GLU C 46 -6.65 -22.86 -5.17
CA GLU C 46 -7.16 -21.74 -4.38
C GLU C 46 -5.98 -21.12 -3.64
N LYS C 47 -5.88 -19.79 -3.69
CA LYS C 47 -4.84 -19.08 -2.96
C LYS C 47 -5.11 -19.20 -1.47
N ARG C 48 -4.17 -19.78 -0.73
CA ARG C 48 -4.37 -20.16 0.66
C ARG C 48 -3.39 -19.43 1.56
N VAL C 49 -3.88 -18.98 2.72
CA VAL C 49 -3.05 -18.32 3.72
C VAL C 49 -3.35 -18.95 5.07
N THR C 50 -2.30 -19.45 5.73
CA THR C 50 -2.44 -20.07 7.04
C THR C 50 -1.70 -19.22 8.06
N VAL C 51 -2.36 -18.91 9.17
CA VAL C 51 -1.80 -18.07 10.22
C VAL C 51 -1.95 -18.79 11.55
N SER C 52 -0.90 -18.74 12.38
CA SER C 52 -0.94 -19.38 13.68
C SER C 52 -0.07 -18.61 14.66
N VAL C 53 -0.48 -18.63 15.92
CA VAL C 53 0.28 -18.02 17.01
C VAL C 53 0.49 -19.08 18.08
N SER C 54 1.74 -19.30 18.46
CA SER C 54 2.09 -20.35 19.40
C SER C 54 2.01 -19.81 20.83
N GLN C 55 2.33 -20.66 21.79
CA GLN C 55 2.33 -20.32 23.20
C GLN C 55 3.54 -20.96 23.86
N PRO C 56 4.04 -20.38 24.96
CA PRO C 56 5.19 -20.92 25.69
C PRO C 56 4.81 -22.02 26.69
N ASN C 62 8.08 -17.25 24.98
CA ASN C 62 8.70 -17.13 23.67
C ASN C 62 7.69 -17.38 22.57
N TYR C 63 6.78 -16.43 22.37
CA TYR C 63 5.72 -16.58 21.39
C TYR C 63 6.31 -16.62 19.98
N LYS C 64 5.68 -17.43 19.12
CA LYS C 64 6.09 -17.57 17.73
C LYS C 64 4.87 -17.37 16.84
N VAL C 65 5.01 -16.53 15.82
CA VAL C 65 3.95 -16.25 14.86
C VAL C 65 4.36 -16.83 13.52
N GLN C 66 3.51 -17.71 12.98
CA GLN C 66 3.80 -18.40 11.73
C GLN C 66 2.76 -18.02 10.69
N VAL C 67 3.22 -17.66 9.49
CA VAL C 67 2.34 -17.32 8.38
C VAL C 67 2.87 -18.02 7.13
N LYS C 68 2.01 -18.80 6.48
CA LYS C 68 2.37 -19.49 5.25
C LYS C 68 1.40 -19.10 4.15
N ILE C 69 1.95 -18.83 2.96
CA ILE C 69 1.16 -18.45 1.80
C ILE C 69 1.43 -19.46 0.69
N GLN C 70 0.38 -20.00 0.11
CA GLN C 70 0.48 -20.95 -1.00
C GLN C 70 -0.36 -20.42 -2.15
N ASN C 71 0.29 -20.16 -3.28
CA ASN C 71 -0.38 -19.64 -4.48
C ASN C 71 -0.19 -20.62 -5.62
N PRO C 72 -1.17 -21.49 -5.89
CA PRO C 72 -1.01 -22.45 -6.98
C PRO C 72 -1.56 -21.95 -8.31
N THR C 73 -0.87 -22.31 -9.38
CA THR C 73 -1.32 -22.03 -10.73
C THR C 73 -1.33 -23.34 -11.52
N ALA C 74 -2.31 -23.46 -12.41
CA ALA C 74 -2.57 -24.70 -13.12
C ALA C 74 -2.78 -24.42 -14.61
N CYS C 75 -2.50 -25.44 -15.42
CA CYS C 75 -2.74 -25.41 -16.85
C CYS C 75 -3.52 -26.65 -17.24
N THR C 76 -4.43 -26.49 -18.20
CA THR C 76 -5.25 -27.62 -18.63
C THR C 76 -4.38 -28.67 -19.31
N ALA C 77 -4.70 -29.94 -19.05
CA ALA C 77 -3.94 -31.04 -19.62
C ALA C 77 -4.29 -31.23 -21.09
N ASN C 78 -3.43 -31.97 -21.79
CA ASN C 78 -3.63 -32.27 -23.21
C ASN C 78 -4.47 -33.52 -23.32
N GLY C 79 -5.77 -33.34 -23.57
CA GLY C 79 -6.69 -34.45 -23.70
C GLY C 79 -7.55 -34.72 -22.48
N SER C 80 -7.29 -34.03 -21.37
CA SER C 80 -8.07 -34.20 -20.14
C SER C 80 -8.89 -32.95 -19.89
N CYS C 81 -10.18 -33.14 -19.62
CA CYS C 81 -11.08 -32.01 -19.46
C CYS C 81 -10.87 -31.28 -18.14
N ASP C 82 -10.52 -32.00 -17.07
CA ASP C 82 -10.32 -31.32 -15.80
C ASP C 82 -8.88 -30.84 -15.64
N PRO C 83 -8.67 -29.57 -15.30
CA PRO C 83 -7.31 -29.06 -15.17
C PRO C 83 -6.58 -29.69 -13.98
N SER C 84 -5.26 -29.81 -14.14
CA SER C 84 -4.40 -30.31 -13.08
C SER C 84 -3.42 -29.21 -12.68
N VAL C 85 -3.07 -29.19 -11.39
CA VAL C 85 -2.18 -28.16 -10.88
C VAL C 85 -0.82 -28.26 -11.56
N THR C 86 -0.31 -27.11 -12.00
CA THR C 86 0.99 -27.08 -12.69
C THR C 86 2.13 -26.81 -11.72
N ARG C 87 2.06 -25.69 -11.00
CA ARG C 87 3.10 -25.37 -10.02
C ARG C 87 2.47 -24.49 -8.94
N GLN C 88 3.30 -24.09 -7.98
CA GLN C 88 2.80 -23.24 -6.90
C GLN C 88 3.96 -22.46 -6.30
N ALA C 89 3.64 -21.27 -5.80
CA ALA C 89 4.60 -20.41 -5.12
C ALA C 89 4.35 -20.48 -3.60
N TYR C 90 5.44 -20.65 -2.85
CA TYR C 90 5.39 -20.74 -1.41
C TYR C 90 5.95 -19.48 -0.77
N ALA C 91 5.47 -19.18 0.44
CA ALA C 91 5.99 -18.08 1.22
C ALA C 91 5.86 -18.42 2.69
N ASP C 92 6.92 -18.15 3.46
CA ASP C 92 6.94 -18.44 4.89
C ASP C 92 7.44 -17.21 5.64
N VAL C 93 6.73 -16.86 6.72
CA VAL C 93 7.07 -15.73 7.56
C VAL C 93 7.00 -16.18 9.01
N THR C 94 8.09 -16.01 9.75
CA THR C 94 8.14 -16.38 11.16
C THR C 94 8.57 -15.18 11.98
N PHE C 95 7.82 -14.90 13.04
CA PHE C 95 8.12 -13.84 13.99
C PHE C 95 8.42 -14.45 15.35
N SER C 96 9.48 -14.00 15.98
CA SER C 96 9.88 -14.48 17.29
C SER C 96 10.02 -13.30 18.25
N PHE C 97 9.39 -13.41 19.42
CA PHE C 97 9.46 -12.38 20.44
C PHE C 97 9.68 -13.03 21.79
N THR C 98 10.22 -12.25 22.73
CA THR C 98 10.42 -12.71 24.09
C THR C 98 9.19 -12.42 24.94
N GLN C 99 9.28 -12.76 26.23
CA GLN C 99 8.14 -12.53 27.12
C GLN C 99 7.99 -11.07 27.49
N TYR C 100 9.07 -10.30 27.45
CA TYR C 100 9.08 -8.92 27.89
C TYR C 100 8.99 -7.92 26.74
N SER C 101 8.73 -8.39 25.53
CA SER C 101 8.62 -7.48 24.39
C SER C 101 7.40 -6.59 24.54
N THR C 102 7.55 -5.32 24.16
CA THR C 102 6.48 -4.33 24.26
C THR C 102 5.74 -4.22 22.93
N ASP C 103 4.54 -3.64 23.01
CA ASP C 103 3.72 -3.49 21.81
C ASP C 103 4.37 -2.55 20.80
N GLU C 104 5.04 -1.51 21.29
CA GLU C 104 5.70 -0.56 20.38
C GLU C 104 6.74 -1.25 19.52
N GLU C 105 7.58 -2.10 20.13
CA GLU C 105 8.62 -2.79 19.37
C GLU C 105 8.01 -3.73 18.33
N ARG C 106 6.99 -4.49 18.72
CA ARG C 106 6.37 -5.43 17.79
C ARG C 106 5.73 -4.68 16.62
N ALA C 107 5.03 -3.59 16.90
CA ALA C 107 4.43 -2.80 15.83
C ALA C 107 5.50 -2.19 14.93
N PHE C 108 6.61 -1.74 15.52
CA PHE C 108 7.69 -1.17 14.73
C PHE C 108 8.29 -2.20 13.78
N VAL C 109 8.54 -3.41 14.29
CA VAL C 109 9.11 -4.46 13.44
C VAL C 109 8.11 -4.84 12.35
N ARG C 110 6.84 -4.97 12.70
CA ARG C 110 5.80 -5.28 11.72
C ARG C 110 5.78 -4.26 10.59
N THR C 111 5.71 -2.97 10.94
CA THR C 111 5.63 -1.94 9.92
C THR C 111 6.94 -1.81 9.14
N GLU C 112 8.07 -2.09 9.78
CA GLU C 112 9.35 -2.10 9.06
C GLU C 112 9.35 -3.18 7.98
N LEU C 113 8.90 -4.39 8.34
CA LEU C 113 8.82 -5.44 7.34
C LEU C 113 7.83 -5.08 6.24
N ALA C 114 6.72 -4.42 6.59
CA ALA C 114 5.77 -3.98 5.58
C ALA C 114 6.42 -2.99 4.63
N ALA C 115 7.23 -2.06 5.15
CA ALA C 115 7.83 -1.02 4.33
C ALA C 115 8.99 -1.53 3.48
N LEU C 116 9.71 -2.55 3.94
CA LEU C 116 10.85 -3.03 3.18
C LEU C 116 10.44 -3.59 1.82
N LEU C 117 9.27 -4.20 1.72
CA LEU C 117 8.85 -4.81 0.46
C LEU C 117 8.60 -3.77 -0.63
N ALA C 118 8.44 -2.50 -0.27
CA ALA C 118 8.24 -1.44 -1.24
C ALA C 118 9.53 -0.77 -1.69
N SER C 119 10.65 -1.10 -1.04
CA SER C 119 11.92 -0.48 -1.40
C SER C 119 12.40 -1.01 -2.75
N PRO C 120 13.23 -0.24 -3.46
CA PRO C 120 13.75 -0.73 -4.75
C PRO C 120 14.52 -2.04 -4.63
N LEU C 121 15.30 -2.20 -3.57
CA LEU C 121 16.12 -3.40 -3.43
C LEU C 121 15.26 -4.66 -3.39
N LEU C 122 14.26 -4.68 -2.51
CA LEU C 122 13.44 -5.88 -2.35
C LEU C 122 12.61 -6.18 -3.60
N ILE C 123 12.03 -5.14 -4.21
CA ILE C 123 11.20 -5.38 -5.40
C ILE C 123 12.06 -5.89 -6.55
N ASP C 124 13.26 -5.32 -6.73
CA ASP C 124 14.15 -5.82 -7.77
C ASP C 124 14.59 -7.24 -7.48
N ALA C 125 14.92 -7.54 -6.22
CA ALA C 125 15.41 -8.87 -5.87
C ALA C 125 14.33 -9.93 -6.07
N ILE C 126 13.09 -9.62 -5.71
CA ILE C 126 12.02 -10.61 -5.80
C ILE C 126 11.49 -10.73 -7.22
N ASP C 127 11.31 -9.62 -7.93
CA ASP C 127 10.73 -9.67 -9.27
C ASP C 127 11.70 -10.33 -10.26
N GLN C 128 12.96 -9.89 -10.27
CA GLN C 128 13.91 -10.32 -11.28
C GLN C 128 14.88 -11.39 -10.80
N LEU C 129 14.82 -11.78 -9.52
CA LEU C 129 15.71 -12.81 -8.96
C LEU C 129 17.18 -12.46 -9.17
N ASN C 130 17.54 -11.20 -8.98
CA ASN C 130 18.91 -10.75 -9.15
C ASN C 130 19.45 -10.17 -7.85
N PRO C 131 20.57 -10.65 -7.34
CA PRO C 131 21.13 -10.10 -6.11
C PRO C 131 21.94 -8.85 -6.36
N ALA C 132 22.61 -8.35 -5.32
CA ALA C 132 23.45 -7.16 -5.44
C ALA C 132 24.92 -7.51 -5.32
N ALA D 2 20.57 -5.49 -8.65
CA ALA D 2 20.51 -4.09 -8.25
C ALA D 2 21.81 -3.65 -7.57
N LYS D 3 21.93 -2.35 -7.33
CA LYS D 3 23.10 -1.79 -6.66
C LYS D 3 22.67 -1.27 -5.30
N LEU D 4 23.37 -1.72 -4.26
CA LEU D 4 23.00 -1.34 -2.89
C LEU D 4 23.10 0.15 -2.68
N GLU D 5 22.06 0.74 -2.10
CA GLU D 5 22.02 2.16 -1.78
C GLU D 5 21.38 2.32 -0.41
N THR D 6 21.31 3.57 0.06
CA THR D 6 20.74 3.86 1.37
C THR D 6 19.22 3.81 1.27
N VAL D 7 18.62 2.78 1.85
CA VAL D 7 17.17 2.62 1.87
C VAL D 7 16.62 3.42 3.05
N THR D 8 15.74 4.37 2.76
CA THR D 8 15.19 5.27 3.77
C THR D 8 13.76 4.84 4.07
N LEU D 9 13.59 4.03 5.11
CA LEU D 9 12.25 3.67 5.54
C LEU D 9 11.54 4.89 6.12
N GLY D 10 10.25 4.99 5.86
CA GLY D 10 9.50 6.16 6.23
C GLY D 10 8.25 5.83 7.03
N ASN D 11 7.90 6.75 7.93
CA ASN D 11 6.65 6.76 8.70
C ASN D 11 6.21 5.36 9.12
N ILE D 12 7.16 4.61 9.68
CA ILE D 12 6.90 3.28 10.18
C ILE D 12 6.65 3.35 11.68
N GLY D 13 6.10 2.27 12.23
CA GLY D 13 5.84 2.17 13.65
C GLY D 13 4.35 2.14 13.95
N LYS D 14 4.05 2.02 15.25
CA LYS D 14 2.67 2.00 15.69
C LYS D 14 1.96 3.32 15.35
N ASP D 15 2.63 4.44 15.63
CA ASP D 15 2.08 5.75 15.30
C ASP D 15 2.43 6.22 13.89
N GLY D 16 3.45 5.62 13.27
CA GLY D 16 3.85 6.02 11.93
C GLY D 16 4.43 7.40 11.81
N LYS D 17 5.23 7.83 12.79
CA LYS D 17 5.91 9.12 12.74
C LYS D 17 7.42 8.99 12.58
N GLN D 18 8.07 8.18 13.41
CA GLN D 18 9.52 8.08 13.37
C GLN D 18 9.96 7.28 12.13
N THR D 19 11.19 7.56 11.68
CA THR D 19 11.74 6.97 10.48
C THR D 19 13.15 6.46 10.76
N LEU D 20 13.62 5.58 9.89
CA LEU D 20 14.99 5.09 9.94
C LEU D 20 15.58 5.07 8.53
N VAL D 21 16.90 5.13 8.48
CA VAL D 21 17.65 5.00 7.23
C VAL D 21 18.70 3.91 7.44
N LEU D 22 18.76 2.95 6.50
CA LEU D 22 19.68 1.84 6.59
C LEU D 22 20.58 1.82 5.36
N ASN D 23 21.86 1.61 5.57
CA ASN D 23 22.87 1.59 4.52
C ASN D 23 23.54 0.22 4.46
N PRO D 24 24.08 -0.17 3.30
CA PRO D 24 24.60 -1.52 3.15
C PRO D 24 25.90 -1.73 3.91
N ARG D 25 26.24 -3.01 4.08
CA ARG D 25 27.48 -3.43 4.72
C ARG D 25 28.28 -4.40 3.86
N GLY D 26 28.08 -4.36 2.55
CA GLY D 26 28.74 -5.30 1.66
C GLY D 26 28.03 -6.64 1.62
N VAL D 27 28.69 -7.59 0.96
CA VAL D 27 28.16 -8.94 0.78
C VAL D 27 29.12 -9.93 1.44
N ASN D 28 28.56 -10.91 2.12
CA ASN D 28 29.38 -11.94 2.75
C ASN D 28 29.92 -12.85 1.67
N PRO D 29 31.25 -12.96 1.51
CA PRO D 29 31.79 -13.78 0.42
C PRO D 29 31.40 -15.25 0.49
N THR D 30 31.25 -15.80 1.68
CA THR D 30 31.01 -17.23 1.84
C THR D 30 29.69 -17.66 1.23
N ASN D 31 28.58 -17.16 1.75
CA ASN D 31 27.24 -17.60 1.34
C ASN D 31 26.43 -16.50 0.67
N GLY D 32 27.03 -15.35 0.40
CA GLY D 32 26.40 -14.34 -0.43
C GLY D 32 25.27 -13.58 0.21
N VAL D 33 25.10 -13.66 1.53
CA VAL D 33 24.01 -12.99 2.22
C VAL D 33 24.38 -11.52 2.37
N ALA D 34 23.79 -10.67 1.54
CA ALA D 34 24.02 -9.23 1.64
C ALA D 34 23.40 -8.69 2.93
N SER D 35 24.05 -7.69 3.52
CA SER D 35 23.66 -7.14 4.80
C SER D 35 23.57 -5.63 4.75
N LEU D 36 22.64 -5.09 5.52
CA LEU D 36 22.46 -3.64 5.68
C LEU D 36 22.11 -3.37 7.13
N SER D 37 22.42 -2.16 7.58
CA SER D 37 22.18 -1.80 8.98
C SER D 37 22.06 -0.29 9.09
N GLN D 38 21.58 0.17 10.24
CA GLN D 38 21.42 1.58 10.53
C GLN D 38 22.37 1.98 11.65
N ALA D 39 22.99 3.15 11.49
CA ALA D 39 23.98 3.62 12.46
C ALA D 39 23.33 3.92 13.80
N GLY D 40 23.90 3.39 14.87
CA GLY D 40 23.39 3.61 16.21
C GLY D 40 24.48 3.82 17.23
N ALA D 41 25.66 4.25 16.77
CA ALA D 41 26.84 4.55 17.58
C ALA D 41 27.45 3.33 18.26
N VAL D 42 26.85 2.15 18.12
CA VAL D 42 27.40 0.93 18.68
C VAL D 42 27.22 -0.19 17.66
N PRO D 43 28.28 -0.89 17.27
CA PRO D 43 28.14 -1.93 16.24
C PRO D 43 27.20 -3.06 16.62
N ALA D 44 27.13 -3.42 17.90
CA ALA D 44 26.34 -4.56 18.33
C ALA D 44 24.91 -4.19 18.73
N LEU D 45 24.64 -2.92 19.00
CA LEU D 45 23.30 -2.48 19.41
C LEU D 45 22.45 -1.98 18.24
N GLU D 46 22.98 -2.03 17.02
CA GLU D 46 22.25 -1.50 15.87
C GLU D 46 21.31 -2.56 15.31
N LYS D 47 20.35 -2.10 14.50
CA LYS D 47 19.36 -2.95 13.86
C LYS D 47 19.84 -3.33 12.47
N ARG D 48 19.71 -4.62 12.13
CA ARG D 48 20.27 -5.12 10.89
C ARG D 48 19.26 -5.94 10.11
N VAL D 49 19.41 -5.92 8.79
CA VAL D 49 18.60 -6.68 7.84
C VAL D 49 19.55 -7.37 6.88
N THR D 50 19.18 -8.58 6.45
CA THR D 50 19.98 -9.33 5.50
C THR D 50 19.06 -9.90 4.43
N VAL D 51 19.59 -9.99 3.21
CA VAL D 51 18.83 -10.52 2.07
C VAL D 51 19.76 -11.43 1.27
N SER D 52 19.20 -12.53 0.74
CA SER D 52 20.01 -13.46 -0.03
C SER D 52 19.13 -14.28 -0.96
N VAL D 53 19.48 -14.28 -2.24
CA VAL D 53 18.85 -15.16 -3.22
C VAL D 53 19.85 -16.26 -3.58
N SER D 54 19.33 -17.48 -3.74
CA SER D 54 20.16 -18.65 -3.94
C SER D 54 20.10 -19.12 -5.40
N GLN D 55 21.23 -19.61 -5.89
CA GLN D 55 21.33 -20.16 -7.24
C GLN D 55 21.04 -21.65 -7.22
N PRO D 56 20.10 -22.13 -8.05
CA PRO D 56 19.71 -23.55 -8.13
C PRO D 56 20.89 -24.50 -8.26
N LYS D 61 16.58 -26.98 -7.70
CA LYS D 61 16.12 -26.60 -9.03
C LYS D 61 15.27 -25.34 -8.96
N ASN D 62 14.68 -25.10 -7.79
CA ASN D 62 13.82 -23.96 -7.56
C ASN D 62 14.59 -22.82 -6.88
N TYR D 63 14.13 -21.59 -7.13
CA TYR D 63 14.77 -20.41 -6.57
C TYR D 63 14.28 -20.15 -5.16
N LYS D 64 15.21 -19.90 -4.25
CA LYS D 64 14.89 -19.66 -2.84
C LYS D 64 15.46 -18.31 -2.45
N VAL D 65 14.61 -17.45 -1.87
CA VAL D 65 15.00 -16.13 -1.41
C VAL D 65 14.72 -16.05 0.08
N GLN D 66 15.69 -15.55 0.85
CA GLN D 66 15.58 -15.47 2.30
C GLN D 66 15.96 -14.07 2.77
N VAL D 67 15.09 -13.47 3.58
CA VAL D 67 15.33 -12.15 4.15
C VAL D 67 15.18 -12.25 5.66
N LYS D 68 16.21 -11.83 6.38
CA LYS D 68 16.22 -11.87 7.84
C LYS D 68 16.25 -10.44 8.40
N ILE D 69 15.58 -10.24 9.52
CA ILE D 69 15.58 -8.98 10.23
C ILE D 69 15.87 -9.26 11.70
N GLN D 70 16.87 -8.56 12.25
CA GLN D 70 17.25 -8.75 13.64
C GLN D 70 17.59 -7.41 14.26
N ASN D 71 16.90 -7.06 15.34
CA ASN D 71 17.20 -5.84 16.07
C ASN D 71 17.22 -6.11 17.57
N PRO D 72 18.16 -5.50 18.29
CA PRO D 72 18.24 -5.72 19.75
C PRO D 72 17.44 -4.69 20.53
N THR D 73 17.37 -4.88 21.84
CA THR D 73 16.86 -3.86 22.75
C THR D 73 18.03 -3.32 23.59
N ALA D 74 18.23 -2.01 23.56
CA ALA D 74 19.33 -1.38 24.27
C ALA D 74 18.89 -1.05 25.69
N CYS D 75 19.63 -1.55 26.67
CA CYS D 75 19.39 -1.27 28.07
C CYS D 75 20.71 -0.94 28.76
N THR D 76 20.65 -0.04 29.75
CA THR D 76 21.82 0.32 30.53
C THR D 76 21.42 0.41 32.00
N ALA D 77 21.82 -0.59 32.77
CA ALA D 77 21.52 -0.66 34.19
C ALA D 77 22.78 -0.37 35.00
N ASN D 78 22.61 -0.31 36.33
CA ASN D 78 23.75 -0.06 37.21
C ASN D 78 24.64 -1.29 37.30
N GLY D 79 25.84 -1.08 37.82
CA GLY D 79 26.84 -2.12 37.96
C GLY D 79 27.91 -2.12 36.89
N SER D 80 27.65 -1.47 35.75
CA SER D 80 28.63 -1.38 34.68
C SER D 80 28.28 -0.20 33.79
N CYS D 81 29.28 0.29 33.06
CA CYS D 81 29.11 1.39 32.14
C CYS D 81 28.92 0.95 30.70
N ASP D 82 28.88 -0.35 30.45
CA ASP D 82 28.72 -0.87 29.09
C ASP D 82 27.26 -1.23 28.86
N PRO D 83 26.59 -0.62 27.89
CA PRO D 83 25.22 -1.06 27.56
C PRO D 83 25.19 -2.52 27.17
N SER D 84 24.15 -3.22 27.61
CA SER D 84 24.04 -4.66 27.44
C SER D 84 22.84 -5.01 26.58
N VAL D 85 22.93 -6.14 25.90
CA VAL D 85 21.86 -6.64 25.05
C VAL D 85 20.88 -7.41 25.91
N THR D 86 19.61 -7.00 25.92
CA THR D 86 18.59 -7.66 26.71
C THR D 86 17.86 -8.73 25.91
N ARG D 87 17.25 -8.34 24.79
CA ARG D 87 16.48 -9.28 23.98
C ARG D 87 16.49 -8.84 22.53
N GLN D 88 16.44 -9.81 21.63
CA GLN D 88 16.42 -9.59 20.20
C GLN D 88 14.99 -9.68 19.67
N ALA D 89 14.84 -9.35 18.39
CA ALA D 89 13.58 -9.54 17.67
C ALA D 89 13.90 -10.17 16.31
N TYR D 90 13.92 -11.50 16.26
CA TYR D 90 14.18 -12.21 15.02
C TYR D 90 12.94 -12.23 14.13
N ALA D 91 13.17 -12.14 12.82
CA ALA D 91 12.12 -12.36 11.85
C ALA D 91 12.77 -12.83 10.55
N ASP D 92 12.05 -13.67 9.80
CA ASP D 92 12.55 -14.11 8.51
C ASP D 92 11.40 -14.38 7.55
N VAL D 93 11.63 -14.08 6.28
CA VAL D 93 10.67 -14.28 5.21
C VAL D 93 11.35 -15.04 4.09
N THR D 94 10.76 -16.15 3.67
CA THR D 94 11.33 -17.00 2.64
C THR D 94 10.34 -17.20 1.51
N PHE D 95 10.85 -17.14 0.28
CA PHE D 95 10.09 -17.44 -0.93
C PHE D 95 10.76 -18.59 -1.66
N SER D 96 9.93 -19.45 -2.26
CA SER D 96 10.39 -20.69 -2.90
C SER D 96 9.76 -20.83 -4.28
N PHE D 97 9.85 -19.77 -5.09
CA PHE D 97 9.29 -19.80 -6.44
C PHE D 97 9.95 -20.90 -7.27
N THR D 98 9.26 -21.28 -8.34
CA THR D 98 9.72 -22.34 -9.22
C THR D 98 10.58 -21.74 -10.35
N GLN D 99 10.89 -22.55 -11.36
CA GLN D 99 11.76 -22.12 -12.44
C GLN D 99 11.00 -21.53 -13.61
N TYR D 100 9.77 -21.96 -13.85
CA TYR D 100 8.97 -21.46 -14.97
C TYR D 100 7.98 -20.39 -14.55
N SER D 101 8.08 -19.89 -13.32
CA SER D 101 7.18 -18.83 -12.87
C SER D 101 7.51 -17.52 -13.58
N THR D 102 6.46 -16.76 -13.89
CA THR D 102 6.63 -15.49 -14.58
C THR D 102 6.76 -14.36 -13.55
N ASP D 103 7.05 -13.15 -14.05
CA ASP D 103 7.18 -12.00 -13.16
C ASP D 103 5.84 -11.59 -12.56
N GLU D 104 4.75 -11.82 -13.29
CA GLU D 104 3.43 -11.44 -12.79
C GLU D 104 3.09 -12.16 -11.49
N GLU D 105 3.34 -13.47 -11.44
CA GLU D 105 3.02 -14.24 -10.23
C GLU D 105 3.86 -13.79 -9.05
N ARG D 106 5.16 -13.57 -9.28
CA ARG D 106 6.04 -13.16 -8.19
C ARG D 106 5.66 -11.78 -7.66
N ALA D 107 5.36 -10.85 -8.58
CA ALA D 107 4.91 -9.53 -8.15
C ALA D 107 3.59 -9.62 -7.40
N PHE D 108 2.69 -10.50 -7.86
CA PHE D 108 1.42 -10.69 -7.18
C PHE D 108 1.63 -11.18 -5.75
N VAL D 109 2.51 -12.17 -5.58
CA VAL D 109 2.78 -12.71 -4.24
C VAL D 109 3.41 -11.65 -3.35
N ARG D 110 4.37 -10.89 -3.89
CA ARG D 110 5.04 -9.87 -3.08
C ARG D 110 4.06 -8.79 -2.65
N THR D 111 3.24 -8.29 -3.58
CA THR D 111 2.26 -7.25 -3.23
C THR D 111 1.20 -7.79 -2.29
N GLU D 112 0.80 -9.06 -2.45
CA GLU D 112 -0.16 -9.66 -1.54
C GLU D 112 0.39 -9.73 -0.13
N LEU D 113 1.66 -10.13 0.01
CA LEU D 113 2.29 -10.12 1.32
C LEU D 113 2.35 -8.71 1.90
N ALA D 114 2.70 -7.73 1.07
CA ALA D 114 2.82 -6.35 1.55
C ALA D 114 1.47 -5.82 2.04
N ALA D 115 0.40 -6.11 1.31
CA ALA D 115 -0.91 -5.60 1.69
C ALA D 115 -1.49 -6.37 2.88
N LEU D 116 -1.32 -7.69 2.90
CA LEU D 116 -1.92 -8.51 3.95
C LEU D 116 -1.33 -8.17 5.31
N LEU D 117 -0.04 -7.88 5.37
CA LEU D 117 0.62 -7.59 6.64
C LEU D 117 0.05 -6.32 7.29
N ALA D 118 -0.53 -5.42 6.51
CA ALA D 118 -1.14 -4.20 7.04
C ALA D 118 -2.62 -4.36 7.30
N SER D 119 -3.19 -5.54 7.08
CA SER D 119 -4.61 -5.75 7.29
C SER D 119 -4.93 -5.77 8.78
N PRO D 120 -6.18 -5.46 9.16
CA PRO D 120 -6.52 -5.45 10.59
C PRO D 120 -6.30 -6.80 11.28
N LEU D 121 -6.54 -7.91 10.57
CA LEU D 121 -6.33 -9.22 11.17
C LEU D 121 -4.87 -9.41 11.56
N LEU D 122 -3.95 -9.07 10.65
CA LEU D 122 -2.53 -9.27 10.94
C LEU D 122 -2.04 -8.36 12.06
N ILE D 123 -2.47 -7.10 12.06
CA ILE D 123 -2.02 -6.19 13.11
C ILE D 123 -2.58 -6.61 14.46
N ASP D 124 -3.83 -7.09 14.49
CA ASP D 124 -4.40 -7.58 15.72
C ASP D 124 -3.66 -8.83 16.21
N ALA D 125 -3.30 -9.73 15.29
CA ALA D 125 -2.64 -10.96 15.70
C ALA D 125 -1.20 -10.72 16.14
N ILE D 126 -0.52 -9.72 15.58
CA ILE D 126 0.89 -9.52 15.87
C ILE D 126 1.10 -8.56 17.03
N ASP D 127 0.42 -7.41 17.04
CA ASP D 127 0.65 -6.42 18.08
C ASP D 127 0.19 -6.91 19.44
N GLN D 128 -1.01 -7.49 19.51
CA GLN D 128 -1.55 -7.98 20.77
C GLN D 128 -1.24 -9.45 21.04
N LEU D 129 -0.62 -10.14 20.08
CA LEU D 129 -0.15 -11.51 20.26
C LEU D 129 -1.28 -12.45 20.71
N ASN D 130 -2.45 -12.29 20.10
CA ASN D 130 -3.59 -13.14 20.38
C ASN D 130 -4.06 -13.81 19.10
N PRO D 131 -4.27 -15.13 19.10
CA PRO D 131 -4.66 -15.82 17.87
C PRO D 131 -6.09 -15.50 17.48
N ALA D 132 -6.38 -15.69 16.20
CA ALA D 132 -7.71 -15.46 15.68
C ALA D 132 -8.69 -16.53 16.18
N TYR D 133 -9.93 -16.11 16.40
CA TYR D 133 -10.97 -17.01 16.89
C TYR D 133 -12.29 -16.77 16.17
#